data_6C1T
#
_entry.id   6C1T
#
_cell.length_a   71.473
_cell.length_b   36.933
_cell.length_c   104.076
_cell.angle_alpha   90.000
_cell.angle_beta   108.250
_cell.angle_gamma   90.000
#
_symmetry.space_group_name_H-M   'C 1 2 1'
#
loop_
_entity.id
_entity.type
_entity.pdbx_description
1 polymer 'Methyl-CpG-binding domain protein 2'
2 polymer '12-mer DNA'
3 polymer '12-mer DNA'
4 non-polymer 'SULFATE ION'
5 non-polymer 'UNKNOWN ATOM OR ION'
6 non-polymer GLYCEROL
7 water water
#
loop_
_entity_poly.entity_id
_entity_poly.type
_entity_poly.pdbx_seq_one_letter_code
_entity_poly.pdbx_strand_id
1 'polypeptide(L)' GATESGKRMDCPALPPGWKKEEVIRKSGLSAGKSDVYYFSPSGKKFRSKPQLARYLGNTVDLSSFDFRTGKMMPSKLQK A,D
2 'polydeoxyribonucleotide' (DG)(DC)(DC)(DT)(DA)(5CM)(DA)(DC)(DT)(DC)(DC)(DG) B
3 'polydeoxyribonucleotide' (DC)(DG)(DG)(DA)(DG)(DT)(DG)(DT)(DA)(DG)(DG)(DC) C
#
loop_
_chem_comp.id
_chem_comp.type
_chem_comp.name
_chem_comp.formula
5CM DNA linking 5-METHYL-2'-DEOXY-CYTIDINE-5'-MONOPHOSPHATE 'C10 H16 N3 O7 P'
DA DNA linking 2'-DEOXYADENOSINE-5'-MONOPHOSPHATE 'C10 H14 N5 O6 P'
DC DNA linking 2'-DEOXYCYTIDINE-5'-MONOPHOSPHATE 'C9 H14 N3 O7 P'
DG DNA linking 2'-DEOXYGUANOSINE-5'-MONOPHOSPHATE 'C10 H14 N5 O7 P'
DT DNA linking THYMIDINE-5'-MONOPHOSPHATE 'C10 H15 N2 O8 P'
GOL non-polymer GLYCEROL 'C3 H8 O3'
SO4 non-polymer 'SULFATE ION' 'O4 S -2'
UNX non-polymer 'UNKNOWN ATOM OR ION' ?
#
# COMPACT_ATOMS: atom_id res chain seq x y z
N LYS A 7 -18.95 4.41 -2.79
CA LYS A 7 -20.15 3.70 -2.32
C LYS A 7 -20.04 2.23 -2.72
N ARG A 8 -20.43 1.32 -1.83
CA ARG A 8 -20.51 -0.11 -2.16
C ARG A 8 -21.81 -0.44 -2.90
N MET A 9 -21.70 -0.71 -4.19
CA MET A 9 -22.88 -0.89 -5.04
C MET A 9 -23.03 -2.36 -5.32
N ASP A 10 -24.25 -2.84 -5.26
CA ASP A 10 -24.52 -4.18 -5.78
C ASP A 10 -24.02 -4.34 -7.20
N CYS A 11 -23.42 -5.49 -7.50
CA CYS A 11 -22.98 -5.76 -8.86
C CYS A 11 -23.92 -6.86 -9.38
N PRO A 12 -24.95 -6.48 -10.13
CA PRO A 12 -25.98 -7.48 -10.48
C PRO A 12 -25.50 -8.68 -11.26
N ALA A 13 -24.47 -8.52 -12.09
CA ALA A 13 -23.95 -9.68 -12.85
C ALA A 13 -23.14 -10.71 -12.04
N LEU A 14 -22.76 -10.40 -10.80
CA LEU A 14 -22.08 -11.37 -9.94
C LEU A 14 -23.18 -12.01 -9.06
N PRO A 15 -22.86 -13.11 -8.32
CA PRO A 15 -23.89 -13.77 -7.49
C PRO A 15 -24.40 -12.83 -6.39
N PRO A 16 -25.47 -13.21 -5.69
CA PRO A 16 -26.12 -12.28 -4.76
C PRO A 16 -25.19 -11.84 -3.69
N GLY A 17 -25.22 -10.55 -3.36
CA GLY A 17 -24.46 -10.05 -2.24
C GLY A 17 -23.11 -9.45 -2.62
N TRP A 18 -22.63 -9.69 -3.85
CA TRP A 18 -21.35 -9.16 -4.31
C TRP A 18 -21.51 -7.70 -4.58
N LYS A 19 -20.51 -6.89 -4.19
CA LYS A 19 -20.58 -5.43 -4.38
C LYS A 19 -19.28 -4.93 -5.02
N LYS A 20 -19.36 -3.75 -5.66
CA LYS A 20 -18.24 -3.06 -6.35
C LYS A 20 -18.16 -1.62 -5.78
N GLU A 21 -16.93 -1.12 -5.64
CA GLU A 21 -16.71 0.24 -5.24
C GLU A 21 -15.57 0.79 -6.05
N GLU A 22 -15.75 2.01 -6.50
CA GLU A 22 -14.74 2.74 -7.24
C GLU A 22 -14.23 3.87 -6.34
N VAL A 23 -12.91 4.04 -6.25
CA VAL A 23 -12.26 5.03 -5.34
C VAL A 23 -11.34 5.86 -6.18
N ILE A 24 -11.54 7.15 -6.10
CA ILE A 24 -10.71 8.13 -6.76
C ILE A 24 -9.43 8.35 -5.94
N ARG A 25 -8.27 8.28 -6.60
CA ARG A 25 -6.98 8.63 -5.99
C ARG A 25 -6.89 10.12 -5.72
N LYS A 26 -6.51 10.50 -4.51
CA LYS A 26 -6.59 11.90 -4.05
C LYS A 26 -5.30 12.67 -4.28
N SER A 27 -4.18 11.95 -4.45
CA SER A 27 -2.84 12.60 -4.61
C SER A 27 -1.83 11.73 -5.37
N GLY A 28 -0.70 12.35 -5.71
CA GLY A 28 0.44 11.74 -6.39
C GLY A 28 0.39 11.62 -7.89
N LEU A 29 1.31 10.82 -8.42
CA LEU A 29 1.39 10.41 -9.85
C LEU A 29 0.09 10.12 -10.57
N SER A 30 -0.82 9.39 -9.93
CA SER A 30 -2.07 9.15 -10.58
C SER A 30 -3.22 9.80 -9.82
N ALA A 31 -3.03 10.97 -9.19
CA ALA A 31 -4.15 11.74 -8.65
C ALA A 31 -5.26 11.85 -9.70
N GLY A 32 -6.49 11.53 -9.33
CA GLY A 32 -7.62 11.69 -10.24
C GLY A 32 -8.04 10.43 -10.97
N LYS A 33 -7.11 9.52 -11.18
CA LYS A 33 -7.45 8.15 -11.62
C LYS A 33 -8.20 7.37 -10.53
N SER A 34 -8.82 6.25 -10.88
CA SER A 34 -9.53 5.47 -9.88
C SER A 34 -9.06 4.03 -9.80
N ASP A 35 -9.42 3.39 -8.70
CA ASP A 35 -9.16 1.99 -8.51
C ASP A 35 -10.56 1.36 -8.25
N VAL A 36 -10.69 0.14 -8.72
CA VAL A 36 -11.97 -0.61 -8.55
C VAL A 36 -11.76 -1.82 -7.64
N TYR A 37 -12.68 -1.98 -6.67
CA TYR A 37 -12.62 -3.05 -5.73
C TYR A 37 -13.99 -3.77 -5.71
N TYR A 38 -13.89 -5.08 -5.47
CA TYR A 38 -15.06 -5.93 -5.23
C TYR A 38 -15.05 -6.49 -3.81
N PHE A 39 -16.25 -6.72 -3.26
CA PHE A 39 -16.40 -7.32 -1.94
C PHE A 39 -17.32 -8.53 -2.02
N SER A 40 -16.89 -9.67 -1.49
CA SER A 40 -17.74 -10.86 -1.34
C SER A 40 -18.92 -10.55 -0.41
N PRO A 41 -19.87 -11.45 -0.36
CA PRO A 41 -20.96 -11.26 0.62
C PRO A 41 -20.51 -11.12 2.08
N SER A 42 -19.45 -11.83 2.48
CA SER A 42 -18.90 -11.68 3.83
C SER A 42 -18.06 -10.43 4.01
N GLY A 43 -17.71 -9.75 2.92
CA GLY A 43 -16.92 -8.54 3.05
C GLY A 43 -15.45 -8.66 2.69
N LYS A 44 -15.04 -9.79 2.12
CA LYS A 44 -13.63 -9.95 1.64
C LYS A 44 -13.41 -9.05 0.44
N LYS A 45 -12.25 -8.37 0.37
CA LYS A 45 -11.96 -7.39 -0.65
C LYS A 45 -11.11 -7.97 -1.78
N PHE A 46 -11.45 -7.70 -3.05
CA PHE A 46 -10.67 -8.19 -4.18
C PHE A 46 -10.24 -6.97 -5.05
N ARG A 47 -9.04 -7.04 -5.59
CA ARG A 47 -8.43 -5.88 -6.30
C ARG A 47 -8.08 -6.18 -7.73
N SER A 48 -8.34 -7.40 -8.25
CA SER A 48 -8.11 -7.62 -9.68
C SER A 48 -8.99 -8.77 -10.21
N LYS A 49 -9.10 -8.81 -11.54
CA LYS A 49 -9.89 -9.83 -12.21
C LYS A 49 -9.35 -11.24 -11.91
N PRO A 50 -8.06 -11.49 -12.09
CA PRO A 50 -7.54 -12.83 -11.79
C PRO A 50 -7.69 -13.24 -10.32
N GLN A 51 -7.62 -12.29 -9.40
CA GLN A 51 -7.86 -12.60 -7.99
C GLN A 51 -9.34 -12.99 -7.76
N LEU A 52 -10.24 -12.20 -8.36
CA LEU A 52 -11.65 -12.52 -8.25
C LEU A 52 -11.99 -13.89 -8.93
N ALA A 53 -11.38 -14.16 -10.11
CA ALA A 53 -11.67 -15.41 -10.84
C ALA A 53 -11.15 -16.64 -10.12
N ARG A 54 -10.00 -16.50 -9.43
CA ARG A 54 -9.39 -17.55 -8.62
C ARG A 54 -10.31 -17.88 -7.45
N TYR A 55 -10.90 -16.85 -6.86
CA TYR A 55 -11.77 -17.07 -5.68
C TYR A 55 -13.07 -17.81 -6.09
N LEU A 56 -13.72 -17.31 -7.12
CA LEU A 56 -15.03 -17.85 -7.59
C LEU A 56 -14.93 -19.22 -8.31
N GLY A 57 -13.82 -19.45 -8.98
CA GLY A 57 -13.61 -20.69 -9.65
C GLY A 57 -14.69 -20.95 -10.68
N ASN A 58 -15.14 -22.19 -10.77
CA ASN A 58 -16.10 -22.51 -11.82
C ASN A 58 -17.53 -22.12 -11.47
N THR A 59 -17.77 -21.36 -10.40
CA THR A 59 -19.14 -20.99 -10.05
C THR A 59 -19.63 -19.83 -10.94
N VAL A 60 -18.73 -19.16 -11.64
CA VAL A 60 -19.09 -18.08 -12.57
C VAL A 60 -18.10 -18.14 -13.73
N ASP A 61 -18.50 -17.73 -14.93
CA ASP A 61 -17.58 -17.54 -16.06
C ASP A 61 -17.32 -16.03 -16.25
N LEU A 62 -16.12 -15.60 -15.96
CA LEU A 62 -15.77 -14.20 -16.02
C LEU A 62 -15.05 -13.80 -17.30
N SER A 63 -14.98 -14.67 -18.31
CA SER A 63 -14.27 -14.35 -19.58
C SER A 63 -14.63 -13.00 -20.16
N SER A 64 -15.93 -12.75 -20.24
CA SER A 64 -16.44 -11.53 -20.85
C SER A 64 -16.76 -10.40 -19.80
N PHE A 65 -16.34 -10.58 -18.53
CA PHE A 65 -16.67 -9.65 -17.41
C PHE A 65 -15.70 -8.50 -17.45
N ASP A 66 -16.21 -7.29 -17.55
CA ASP A 66 -15.39 -6.08 -17.55
C ASP A 66 -15.18 -5.62 -16.11
N PHE A 67 -14.02 -5.94 -15.54
CA PHE A 67 -13.73 -5.68 -14.12
C PHE A 67 -13.99 -4.22 -13.77
N ARG A 68 -13.53 -3.30 -14.59
CA ARG A 68 -13.74 -1.93 -14.31
C ARG A 68 -15.21 -1.47 -14.24
N THR A 69 -16.06 -1.92 -15.15
CA THR A 69 -17.46 -1.46 -15.16
C THR A 69 -18.41 -2.39 -14.42
N GLY A 70 -17.99 -3.62 -14.16
CA GLY A 70 -18.82 -4.59 -13.51
C GLY A 70 -19.92 -5.15 -14.39
N LYS A 71 -19.69 -5.17 -15.69
CA LYS A 71 -20.67 -5.61 -16.68
C LYS A 71 -20.03 -6.71 -17.53
N MET A 72 -20.86 -7.64 -17.99
CA MET A 72 -20.48 -8.59 -19.02
C MET A 72 -20.54 -7.82 -20.32
N MET A 73 -19.67 -8.16 -21.25
CA MET A 73 -19.64 -7.47 -22.56
C MET A 73 -19.96 -8.44 -23.71
N PRO A 74 -20.57 -7.95 -24.80
N1 5CM B 6 -0.73 -5.20 -7.44
C2 5CM B 6 -0.10 -3.95 -7.55
N3 5CM B 6 -0.78 -2.83 -7.63
C4 5CM B 6 -2.13 -2.82 -7.56
C5 5CM B 6 -2.84 -4.15 -7.49
C5A 5CM B 6 -4.36 -4.25 -7.43
C6 5CM B 6 -2.08 -5.28 -7.40
O2 5CM B 6 1.17 -3.89 -7.60
N4 5CM B 6 -2.79 -1.66 -7.65
C1' 5CM B 6 0.13 -6.38 -7.32
C2' 5CM B 6 -0.32 -7.40 -6.26
C3' 5CM B 6 0.45 -8.59 -6.72
C4' 5CM B 6 0.57 -8.40 -8.20
O4' 5CM B 6 0.13 -7.08 -8.54
O3' 5CM B 6 1.80 -8.51 -6.28
C5' 5CM B 6 -0.20 -9.41 -9.04
O5' 5CM B 6 -1.54 -9.50 -8.56
P 5CM B 6 -2.68 -10.12 -9.46
OP1 5CM B 6 -2.29 -11.54 -9.59
OP2 5CM B 6 -4.03 -9.75 -8.88
N ARG D 8 20.14 -0.87 16.47
CA ARG D 8 20.47 0.57 16.21
C ARG D 8 21.88 0.79 15.67
N MET D 9 22.05 0.56 14.37
CA MET D 9 23.33 0.78 13.68
C MET D 9 23.49 2.27 13.35
N ASP D 10 24.66 2.88 13.61
CA ASP D 10 24.96 4.24 13.09
C ASP D 10 24.52 4.31 11.62
N CYS D 11 24.00 5.46 11.18
CA CYS D 11 23.59 5.61 9.77
C CYS D 11 24.53 6.61 9.06
N PRO D 12 25.62 6.12 8.41
CA PRO D 12 26.66 7.09 7.99
C PRO D 12 26.29 8.08 6.88
N ALA D 13 25.23 7.80 6.13
CA ALA D 13 24.73 8.71 5.10
C ALA D 13 24.12 10.00 5.65
N LEU D 14 23.62 9.96 6.89
CA LEU D 14 22.88 11.07 7.49
C LEU D 14 23.86 12.00 8.23
N PRO D 15 23.35 13.12 8.81
CA PRO D 15 24.32 13.86 9.66
C PRO D 15 24.71 12.98 10.89
N PRO D 16 25.75 13.40 11.65
CA PRO D 16 26.25 12.71 12.87
C PRO D 16 25.19 12.49 13.97
N GLY D 17 25.36 11.40 14.75
CA GLY D 17 24.40 11.00 15.81
C GLY D 17 23.26 10.07 15.38
N TRP D 18 22.99 9.96 14.09
CA TRP D 18 21.80 9.22 13.62
C TRP D 18 21.99 7.71 13.65
N LYS D 19 20.94 6.98 14.05
CA LYS D 19 20.94 5.52 13.93
C LYS D 19 19.71 5.03 13.19
N LYS D 20 19.82 3.79 12.72
CA LYS D 20 18.80 3.09 11.96
C LYS D 20 18.64 1.70 12.58
N GLU D 21 17.40 1.18 12.56
CA GLU D 21 17.09 -0.16 13.03
C GLU D 21 16.01 -0.75 12.10
N GLU D 22 16.11 -2.05 11.85
CA GLU D 22 15.14 -2.84 11.12
C GLU D 22 14.60 -3.91 12.08
N VAL D 23 13.30 -4.16 12.02
CA VAL D 23 12.60 -5.11 12.94
C VAL D 23 11.66 -5.99 12.09
N ILE D 24 11.88 -7.31 12.17
CA ILE D 24 11.14 -8.29 11.42
C ILE D 24 9.73 -8.47 12.02
N ARG D 25 8.73 -8.55 11.14
CA ARG D 25 7.36 -8.85 11.54
C ARG D 25 7.21 -10.36 11.81
N LYS D 26 6.67 -10.74 12.96
CA LYS D 26 6.81 -12.13 13.45
C LYS D 26 5.62 -13.06 13.16
N SER D 27 4.50 -12.48 12.80
CA SER D 27 3.28 -13.21 12.58
C SER D 27 2.36 -12.45 11.67
N GLY D 28 1.29 -13.11 11.28
CA GLY D 28 0.21 -12.52 10.51
C GLY D 28 0.45 -12.55 9.02
N LEU D 29 -0.37 -11.82 8.30
CA LEU D 29 -0.32 -11.85 6.85
C LEU D 29 1.02 -11.35 6.33
N SER D 30 1.61 -10.35 7.01
CA SER D 30 2.88 -9.72 6.55
C SER D 30 4.14 -10.29 7.28
N ALA D 31 3.99 -11.49 7.89
CA ALA D 31 5.08 -12.10 8.62
C ALA D 31 6.28 -12.25 7.67
N GLY D 32 7.49 -11.99 8.14
CA GLY D 32 8.63 -12.11 7.29
C GLY D 32 9.08 -10.73 6.69
N LYS D 33 8.14 -9.79 6.53
CA LYS D 33 8.48 -8.40 6.08
C LYS D 33 9.06 -7.67 7.29
N SER D 34 9.56 -6.46 7.08
CA SER D 34 10.19 -5.65 8.13
C SER D 34 9.75 -4.17 8.10
N ASP D 35 10.00 -3.52 9.25
CA ASP D 35 9.83 -2.08 9.41
C ASP D 35 11.19 -1.47 9.71
N VAL D 36 11.42 -0.31 9.13
CA VAL D 36 12.68 0.42 9.36
C VAL D 36 12.39 1.69 10.19
N TYR D 37 13.25 1.93 11.19
CA TYR D 37 13.16 3.08 12.07
C TYR D 37 14.45 3.89 12.05
N TYR D 38 14.31 5.21 12.11
CA TYR D 38 15.47 6.09 12.40
C TYR D 38 15.37 6.75 13.79
N PHE D 39 16.54 7.00 14.37
CA PHE D 39 16.66 7.74 15.64
C PHE D 39 17.63 8.89 15.48
N SER D 40 17.12 10.10 15.74
CA SER D 40 17.91 11.35 15.72
C SER D 40 19.00 11.35 16.80
N PRO D 41 19.88 12.39 16.81
CA PRO D 41 20.77 12.65 17.96
C PRO D 41 20.01 12.78 19.28
N SER D 42 19.03 13.71 19.27
CA SER D 42 18.01 13.86 20.31
C SER D 42 17.45 12.49 20.73
N GLY D 43 17.25 11.63 19.76
CA GLY D 43 16.80 10.29 20.00
C GLY D 43 15.33 10.06 19.70
N LYS D 44 14.63 11.05 19.12
CA LYS D 44 13.26 10.86 18.63
C LYS D 44 13.21 9.84 17.47
N LYS D 45 12.17 9.00 17.44
CA LYS D 45 12.03 7.94 16.42
C LYS D 45 11.25 8.39 15.19
N PHE D 46 11.72 7.96 14.01
CA PHE D 46 11.06 8.25 12.75
C PHE D 46 10.66 6.98 12.03
N ARG D 47 9.43 6.95 11.53
CA ARG D 47 8.89 5.76 10.92
C ARG D 47 8.62 5.88 9.45
N SER D 48 8.81 7.06 8.86
CA SER D 48 8.59 7.23 7.44
C SER D 48 9.44 8.32 6.86
N LYS D 49 9.58 8.26 5.53
CA LYS D 49 10.32 9.30 4.80
C LYS D 49 9.71 10.69 4.99
N PRO D 50 8.37 10.88 4.74
CA PRO D 50 7.80 12.23 4.94
C PRO D 50 8.00 12.79 6.34
N GLN D 51 7.83 11.94 7.35
CA GLN D 51 8.02 12.34 8.74
C GLN D 51 9.45 12.86 8.99
N LEU D 52 10.43 12.06 8.60
CA LEU D 52 11.85 12.44 8.71
C LEU D 52 12.16 13.67 7.90
N ALA D 53 11.61 13.75 6.68
CA ALA D 53 11.92 14.90 5.80
C ALA D 53 11.32 16.21 6.36
N ARG D 54 10.16 16.09 7.03
CA ARG D 54 9.57 17.24 7.73
C ARG D 54 10.47 17.70 8.88
N TYR D 55 10.89 16.77 9.72
CA TYR D 55 11.76 17.10 10.83
C TYR D 55 13.06 17.73 10.42
N LEU D 56 13.76 17.13 9.44
CA LEU D 56 15.03 17.73 8.91
C LEU D 56 14.82 19.05 8.20
N GLY D 57 13.65 19.20 7.56
CA GLY D 57 13.20 20.49 7.06
C GLY D 57 13.96 20.90 5.82
N ASN D 58 13.72 22.16 5.42
CA ASN D 58 14.39 22.75 4.30
C ASN D 58 15.93 22.85 4.59
N THR D 59 16.31 22.60 5.86
CA THR D 59 17.69 22.27 6.26
C THR D 59 18.43 21.29 5.29
N VAL D 60 17.75 20.20 4.89
CA VAL D 60 18.31 19.05 4.14
C VAL D 60 17.34 18.51 3.07
N ASP D 61 17.85 18.22 1.88
CA ASP D 61 17.03 17.69 0.77
C ASP D 61 17.18 16.17 0.55
N LEU D 62 16.14 15.43 0.89
CA LEU D 62 16.16 13.96 0.85
C LEU D 62 15.33 13.39 -0.29
N SER D 63 15.15 14.15 -1.37
CA SER D 63 14.44 13.64 -2.54
C SER D 63 14.93 12.26 -2.88
N SER D 64 16.25 12.07 -3.02
CA SER D 64 16.80 10.80 -3.50
C SER D 64 17.18 9.83 -2.38
N PHE D 65 16.93 10.18 -1.13
CA PHE D 65 17.24 9.33 0.02
C PHE D 65 16.33 8.08 0.02
N ASP D 66 16.93 6.90 -0.02
CA ASP D 66 16.19 5.66 0.09
C ASP D 66 15.95 5.31 1.59
N PHE D 67 14.72 5.48 2.04
CA PHE D 67 14.38 5.31 3.46
C PHE D 67 14.76 3.90 3.95
N ARG D 68 14.41 2.90 3.13
CA ARG D 68 14.62 1.52 3.52
C ARG D 68 16.06 1.18 3.66
N THR D 69 16.88 1.52 2.68
CA THR D 69 18.31 1.18 2.69
C THR D 69 19.23 2.20 3.42
N GLY D 70 18.77 3.44 3.59
CA GLY D 70 19.60 4.50 4.20
C GLY D 70 20.71 5.06 3.31
N LYS D 71 20.57 4.86 1.99
CA LYS D 71 21.54 5.33 0.96
C LYS D 71 20.84 6.27 -0.07
N MET D 72 21.61 7.14 -0.73
CA MET D 72 21.10 7.88 -1.89
C MET D 72 20.87 6.91 -3.07
N MET D 73 19.69 6.97 -3.70
CA MET D 73 19.39 6.17 -4.94
C MET D 73 19.02 7.03 -6.14
S SO4 E . -17.67 -15.15 1.30
O1 SO4 E . -17.86 -16.13 2.39
O2 SO4 E . -18.87 -14.33 1.08
O3 SO4 E . -17.32 -15.88 0.06
O4 SO4 E . -16.51 -14.29 1.69
UNK UNX F . -17.69 7.33 -6.58
UNK UNX G . -11.01 9.38 -2.67
UNK UNX H . -1.39 7.66 -7.86
UNK UNX I . -20.08 -16.39 -4.29
UNK UNX J . -12.04 -0.34 0.89
UNK UNX K . -11.64 -6.69 -17.25
UNK UNX L . -13.67 -17.33 -14.97
UNK UNX M . -5.37 0.53 -10.43
UNK UNX N . -10.42 -8.68 2.81
UNK UNX O . -5.13 -0.96 -4.66
UNK UNX P . -13.44 8.40 -3.97
UNK UNX Q . -6.93 -0.36 -1.32
UNK UNX R . -2.86 -4.32 1.62
UNK UNX S . -6.40 -1.82 -11.52
UNK UNX T . -0.36 -6.41 -0.53
UNK UNX U . -4.59 -2.50 12.14
UNK UNX V . -1.53 -5.11 -20.40
UNK UNX W . 4.99 -2.61 -10.17
UNK UNX X . -0.82 -5.71 2.32
UNK UNX Y . -0.83 5.08 0.90
UNK UNX Z . -5.11 1.09 6.41
C1 GOL AA . 6.93 -6.79 15.09
O1 GOL AA . 6.33 -6.18 13.94
C2 GOL AA . 5.93 -7.71 15.80
O2 GOL AA . 5.54 -8.78 14.93
C3 GOL AA . 4.65 -6.95 16.23
O3 GOL AA . 4.96 -5.83 17.12
UNK UNX BA . 17.57 16.11 17.23
UNK UNX CA . 12.45 6.21 0.09
UNK UNX DA . 9.68 -5.73 4.05
#